data_8WRV
#
_entry.id   8WRV
#
_cell.length_a   1.00
_cell.length_b   1.00
_cell.length_c   1.00
_cell.angle_alpha   90.00
_cell.angle_beta   90.00
_cell.angle_gamma   90.00
#
_symmetry.space_group_name_H-M   'P 1'
#
loop_
_entity.id
_entity.type
_entity.pdbx_description
1 polymer TS
2 polymer NTS
3 polymer Cas12-2
4 polymer crRNA
#
loop_
_entity_poly.entity_id
_entity_poly.type
_entity_poly.pdbx_seq_one_letter_code
_entity_poly.pdbx_strand_id
1 'polydeoxyribonucleotide'
;(DC)(DA)(DA)(DG)(DC)(DC)(DG)(DT)(DC)(DT)(DA)(DG)(DC)(DG)(DG)(DT)(DG)(DA)(DG)(DG)
(DT)(DT)(DC)(DT)(DC)(DT)(DG)(DA)(DT)(DG)(DG)(DA)(DA)(DG)(DC)(DA)(DT)(DA)(DT)(DC)
(DG)(DT)(DA)(DG)
;
C
2 'polydeoxyribonucleotide'
;(DC)(DT)(DA)(DC)(DG)(DA)(DT)(DA)(DT)(DG)(DC)(DT)(DT)(DC)(DC)(DA)(DT)(DC)(DA)(DG)
(DA)(DG)(DA)(DA)(DC)(DC)(DT)(DC)(DA)(DC)(DC)(DG)(DC)(DT)(DA)(DG)(DA)(DC)(DG)(DG)
(DC)(DT)(DT)(DG)
;
D
3 'polypeptide(L)'
;MPSYKSSRVLVRDVPEELVDHYERSHRVAAFFMRLLLAMRREPYSLRMRDGTEREVDLDETDDFLRSAGCEEPDAVSDDL
RSFALAVLHQDNPKKRAFLESENCVSILCLEKSASGTRYYKRPGYQLLKKAIEEEWGWDKFEASLLDERTGEVAEKFAAL
SMEDWRRFFAARDPDDLGRELLKTDTREGMAAALRLRERGVFPVSVPEHLDLDSLKAAMASAAERLKSWLACNQRAVDEK
SELRKRFEEALDGVDPEKYALFEKFAAELQQADYNVTKKLVLAVSAKFPATEPSEFKRGVEILKEDGYKPLWEDFRELGF
VYLAERKWERRRGGAAVTLCDADDSPIKVRFGLTGRGRKFVLSAAGSRFLITVKLPCGDVGLTAVPSRYFWNPSVGRTTS
NSFRIEFTKRTTENRRYVGEVKEIGLVRQRGRYYFFIDYNFDPE
;
A
4 'polyribonucleotide' GUGCUGCUGUCUCCCAGACGGGAGGCAGAACUGCACCUUCCAUCAGAGAACCUCACUGCG B
#
loop_
_chem_comp.id
_chem_comp.type
_chem_comp.name
_chem_comp.formula
A RNA linking ADENOSINE-5'-MONOPHOSPHATE 'C10 H14 N5 O7 P'
C RNA linking CYTIDINE-5'-MONOPHOSPHATE 'C9 H14 N3 O8 P'
DA DNA linking 2'-DEOXYADENOSINE-5'-MONOPHOSPHATE 'C10 H14 N5 O6 P'
DC DNA linking 2'-DEOXYCYTIDINE-5'-MONOPHOSPHATE 'C9 H14 N3 O7 P'
DG DNA linking 2'-DEOXYGUANOSINE-5'-MONOPHOSPHATE 'C10 H14 N5 O7 P'
DT DNA linking THYMIDINE-5'-MONOPHOSPHATE 'C10 H15 N2 O8 P'
G RNA linking GUANOSINE-5'-MONOPHOSPHATE 'C10 H14 N5 O8 P'
U RNA linking URIDINE-5'-MONOPHOSPHATE 'C9 H13 N2 O9 P'
#
# COMPACT_ATOMS: atom_id res chain seq x y z
N SER C 3 -10.98 -8.46 -13.85
CA SER C 3 -12.17 -9.22 -13.48
C SER C 3 -12.21 -9.45 -11.97
N TYR C 4 -13.23 -8.92 -11.32
CA TYR C 4 -13.35 -9.00 -9.88
C TYR C 4 -14.78 -9.31 -9.48
N LYS C 5 -14.92 -9.95 -8.32
CA LYS C 5 -16.23 -10.24 -7.74
C LYS C 5 -16.03 -10.40 -6.25
N SER C 6 -16.86 -9.71 -5.47
CA SER C 6 -16.65 -9.55 -4.04
C SER C 6 -17.85 -10.06 -3.25
N SER C 7 -17.60 -10.35 -1.98
CA SER C 7 -18.61 -10.77 -1.04
C SER C 7 -18.22 -10.23 0.32
N ARG C 8 -18.81 -10.77 1.38
CA ARG C 8 -18.51 -10.30 2.72
C ARG C 8 -18.84 -11.41 3.70
N VAL C 9 -17.87 -11.78 4.54
CA VAL C 9 -18.05 -12.85 5.52
C VAL C 9 -17.87 -12.25 6.91
N LEU C 10 -18.85 -12.53 7.78
CA LEU C 10 -18.82 -12.01 9.14
C LEU C 10 -18.03 -12.86 10.10
N VAL C 11 -17.24 -12.21 10.95
CA VAL C 11 -16.48 -12.90 11.98
C VAL C 11 -16.89 -12.33 13.33
N ARG C 12 -17.09 -13.21 14.31
CA ARG C 12 -17.65 -12.79 15.60
C ARG C 12 -16.76 -13.17 16.77
N ASP C 13 -15.53 -13.63 16.53
CA ASP C 13 -14.64 -14.00 17.62
C ASP C 13 -13.22 -13.55 17.32
N VAL C 14 -13.09 -12.32 16.82
CA VAL C 14 -11.76 -11.79 16.48
C VAL C 14 -10.97 -11.56 17.77
N PRO C 15 -9.73 -12.05 17.88
CA PRO C 15 -8.97 -11.86 19.11
C PRO C 15 -8.51 -10.43 19.33
N GLU C 16 -7.76 -10.21 20.40
CA GLU C 16 -7.25 -8.88 20.70
C GLU C 16 -6.23 -8.43 19.66
N GLU C 17 -5.45 -9.36 19.12
CA GLU C 17 -4.36 -9.02 18.20
C GLU C 17 -4.89 -8.36 16.93
N LEU C 18 -5.89 -8.98 16.30
CA LEU C 18 -6.42 -8.41 15.06
C LEU C 18 -7.15 -7.11 15.31
N VAL C 19 -7.83 -6.98 16.44
CA VAL C 19 -8.51 -5.72 16.76
C VAL C 19 -7.49 -4.60 16.92
N ASP C 20 -6.39 -4.88 17.63
CA ASP C 20 -5.35 -3.86 17.79
C ASP C 20 -4.68 -3.54 16.46
N HIS C 21 -4.51 -4.54 15.60
CA HIS C 21 -3.92 -4.28 14.29
C HIS C 21 -4.84 -3.41 13.43
N TYR C 22 -6.14 -3.65 13.50
CA TYR C 22 -7.10 -2.83 12.76
C TYR C 22 -7.16 -1.42 13.31
N GLU C 23 -7.12 -1.26 14.63
CA GLU C 23 -7.22 0.05 15.25
C GLU C 23 -5.89 0.78 15.30
N ARG C 24 -4.79 0.13 14.91
CA ARG C 24 -3.49 0.75 14.86
C ARG C 24 -3.02 1.00 13.42
N SER C 25 -3.67 0.40 12.45
CA SER C 25 -3.32 0.66 11.05
C SER C 25 -3.94 1.98 10.63
N HIS C 26 -5.10 2.31 11.20
CA HIS C 26 -5.78 3.55 10.85
C HIS C 26 -5.00 4.80 11.20
N ARG C 27 -4.35 4.80 12.35
CA ARG C 27 -3.60 5.98 12.79
C ARG C 27 -2.36 6.19 11.93
N VAL C 28 -1.72 5.11 11.49
CA VAL C 28 -0.59 5.24 10.59
C VAL C 28 -1.04 5.78 9.24
N ALA C 29 -2.20 5.34 8.77
CA ALA C 29 -2.73 5.84 7.51
C ALA C 29 -2.99 7.33 7.63
N ALA C 30 -3.64 7.74 8.72
CA ALA C 30 -3.94 9.15 8.93
C ALA C 30 -2.65 9.99 9.00
N PHE C 31 -1.63 9.46 9.68
CA PHE C 31 -0.36 10.17 9.71
C PHE C 31 0.25 10.28 8.32
N PHE C 32 0.15 9.22 7.52
CA PHE C 32 0.66 9.29 6.16
C PHE C 32 -0.07 10.34 5.34
N MET C 33 -1.39 10.40 5.47
CA MET C 33 -2.15 11.43 4.75
C MET C 33 -1.71 12.83 5.17
N ARG C 34 -1.64 13.09 6.48
CA ARG C 34 -1.27 14.42 6.94
C ARG C 34 0.18 14.76 6.59
N LEU C 35 1.09 13.78 6.63
CA LEU C 35 2.49 14.04 6.29
C LEU C 35 2.67 14.31 4.80
N LEU C 36 1.94 13.58 3.94
CA LEU C 36 2.00 13.87 2.52
C LEU C 36 1.42 15.24 2.21
N LEU C 37 0.33 15.62 2.89
CA LEU C 37 -0.18 16.99 2.73
C LEU C 37 0.82 18.02 3.24
N ALA C 38 1.54 17.68 4.30
CA ALA C 38 2.53 18.59 4.85
C ALA C 38 3.67 18.81 3.85
N MET C 39 4.17 17.72 3.28
CA MET C 39 5.21 17.83 2.27
C MET C 39 4.70 18.62 1.07
N ARG C 40 3.41 18.45 0.75
CA ARG C 40 2.85 19.20 -0.36
C ARG C 40 2.95 20.70 -0.13
N ARG C 41 3.02 21.12 1.14
CA ARG C 41 3.17 22.54 1.49
C ARG C 41 2.18 23.50 0.86
N GLU C 42 0.95 23.04 0.66
CA GLU C 42 -0.11 23.87 0.13
C GLU C 42 -1.24 23.87 1.15
N PRO C 43 -1.60 25.03 1.71
CA PRO C 43 -2.67 25.07 2.71
C PRO C 43 -3.97 24.54 2.15
N TYR C 44 -4.75 23.84 3.01
CA TYR C 44 -5.91 23.11 2.52
C TYR C 44 -7.07 23.28 3.48
N SER C 45 -8.15 22.53 3.20
CA SER C 45 -9.36 22.55 4.00
C SER C 45 -9.61 21.15 4.57
N LEU C 46 -9.85 21.09 5.87
CA LEU C 46 -10.06 19.83 6.58
C LEU C 46 -11.51 19.76 7.05
N ARG C 47 -12.14 18.62 6.78
CA ARG C 47 -13.53 18.37 7.17
C ARG C 47 -13.53 17.43 8.37
N MET C 48 -13.95 17.95 9.52
CA MET C 48 -13.95 17.17 10.75
C MET C 48 -15.13 16.19 10.75
N ARG C 49 -15.29 15.48 11.87
CA ARG C 49 -16.29 14.42 11.95
C ARG C 49 -17.71 14.98 11.94
N ASP C 50 -17.97 16.01 12.73
CA ASP C 50 -19.31 16.59 12.82
C ASP C 50 -19.65 17.47 11.62
N GLY C 51 -18.66 17.81 10.80
CA GLY C 51 -18.86 18.67 9.66
C GLY C 51 -18.37 20.08 9.97
N THR C 52 -17.14 20.37 9.53
CA THR C 52 -16.55 21.69 9.75
C THR C 52 -15.37 21.83 8.79
N GLU C 53 -15.50 22.70 7.80
CA GLU C 53 -14.45 22.90 6.80
C GLU C 53 -13.46 23.95 7.30
N ARG C 54 -12.60 23.53 8.22
CA ARG C 54 -11.58 24.42 8.74
C ARG C 54 -10.48 24.63 7.70
N GLU C 55 -9.89 25.82 7.71
CA GLU C 55 -8.82 26.15 6.78
C GLU C 55 -7.49 26.07 7.52
N VAL C 56 -6.62 25.16 7.07
CA VAL C 56 -5.31 24.98 7.66
C VAL C 56 -4.27 25.61 6.73
N ASP C 57 -3.40 26.44 7.31
CA ASP C 57 -2.45 27.25 6.56
C ASP C 57 -1.04 26.65 6.64
N LEU C 58 -0.08 27.41 6.13
CA LEU C 58 1.30 26.96 6.06
C LEU C 58 1.94 26.79 7.43
N ASP C 59 1.48 27.52 8.45
CA ASP C 59 2.14 27.48 9.75
C ASP C 59 1.99 26.12 10.41
N GLU C 60 0.76 25.60 10.46
CA GLU C 60 0.55 24.29 11.05
C GLU C 60 1.21 23.19 10.23
N THR C 61 1.29 23.40 8.92
CA THR C 61 1.96 22.44 8.05
C THR C 61 3.45 22.39 8.43
N ASP C 62 4.06 23.56 8.59
CA ASP C 62 5.48 23.62 8.97
C ASP C 62 5.71 23.01 10.35
N ASP C 63 4.82 23.29 11.30
CA ASP C 63 4.97 22.71 12.63
C ASP C 63 4.84 21.19 12.59
N PHE C 64 3.91 20.68 11.79
CA PHE C 64 3.75 19.23 11.64
C PHE C 64 5.01 18.62 11.02
N LEU C 65 5.55 19.26 10.01
CA LEU C 65 6.78 18.77 9.37
C LEU C 65 7.93 18.77 10.37
N ARG C 66 8.02 19.81 11.18
CA ARG C 66 9.04 19.84 12.23
C ARG C 66 8.84 18.69 13.21
N SER C 67 7.59 18.42 13.59
CA SER C 67 7.28 17.27 14.42
C SER C 67 7.58 15.95 13.74
N ALA C 68 7.68 15.93 12.41
CA ALA C 68 8.00 14.72 11.65
C ALA C 68 9.48 14.57 11.38
N GLY C 69 10.32 15.48 11.86
CA GLY C 69 11.76 15.38 11.69
C GLY C 69 12.36 16.35 10.69
N CYS C 70 11.54 16.97 9.84
CA CYS C 70 12.02 17.97 8.89
C CYS C 70 12.24 19.27 9.65
N GLU C 71 13.50 19.53 10.02
CA GLU C 71 13.80 20.65 10.92
C GLU C 71 13.45 21.99 10.28
N GLU C 72 13.89 22.21 9.04
CA GLU C 72 13.69 23.48 8.34
C GLU C 72 13.08 23.17 6.98
N PRO C 73 11.75 23.01 6.92
CA PRO C 73 11.11 22.71 5.63
C PRO C 73 11.29 23.80 4.59
N ASP C 74 11.68 25.00 5.01
CA ASP C 74 11.87 26.10 4.09
C ASP C 74 13.01 25.83 3.11
N ALA C 75 14.09 25.22 3.59
CA ALA C 75 15.24 24.93 2.74
C ALA C 75 14.99 23.70 1.86
N VAL C 76 14.36 22.67 2.42
CA VAL C 76 14.15 21.41 1.71
C VAL C 76 12.79 21.42 1.03
N SER C 77 12.17 22.60 0.92
CA SER C 77 10.87 22.70 0.27
C SER C 77 10.95 22.27 -1.19
N ASP C 78 12.07 22.55 -1.86
CA ASP C 78 12.24 22.12 -3.24
C ASP C 78 12.37 20.61 -3.36
N ASP C 79 12.52 19.91 -2.23
CA ASP C 79 12.70 18.46 -2.26
C ASP C 79 11.56 17.66 -1.62
N LEU C 80 11.03 18.12 -0.48
CA LEU C 80 9.86 17.47 0.11
C LEU C 80 8.70 17.45 -0.87
N ARG C 81 8.34 18.61 -1.42
CA ARG C 81 7.31 18.65 -2.45
C ARG C 81 7.67 17.72 -3.60
N SER C 82 8.94 17.76 -4.04
CA SER C 82 9.36 16.93 -5.15
C SER C 82 9.24 15.44 -4.80
N PHE C 83 9.32 15.11 -3.51
CA PHE C 83 8.99 13.74 -3.12
C PHE C 83 7.50 13.47 -3.19
N ALA C 84 6.67 14.37 -2.65
CA ALA C 84 5.26 14.05 -2.46
C ALA C 84 4.57 13.78 -3.78
N LEU C 85 4.86 14.59 -4.79
CA LEU C 85 4.25 14.40 -6.11
C LEU C 85 4.57 13.02 -6.65
N ALA C 86 5.76 12.50 -6.35
CA ALA C 86 6.10 11.15 -6.77
C ALA C 86 5.23 10.11 -6.06
N VAL C 87 4.99 10.30 -4.77
CA VAL C 87 4.24 9.30 -4.00
C VAL C 87 2.77 9.30 -4.42
N LEU C 88 2.18 10.48 -4.60
CA LEU C 88 0.80 10.60 -5.02
C LEU C 88 0.64 10.52 -6.53
N HIS C 89 1.64 9.97 -7.23
CA HIS C 89 1.57 9.69 -8.66
C HIS C 89 1.27 10.94 -9.47
N GLN C 90 2.01 12.01 -9.18
CA GLN C 90 1.93 13.26 -9.93
C GLN C 90 3.07 13.43 -10.92
N ASP C 91 3.86 12.38 -11.14
CA ASP C 91 4.95 12.43 -12.10
C ASP C 91 4.44 11.98 -13.47
N ASN C 92 5.34 11.78 -14.41
CA ASN C 92 4.97 11.33 -15.74
C ASN C 92 4.36 9.94 -15.64
N PRO C 93 3.30 9.64 -16.41
CA PRO C 93 2.78 8.25 -16.42
C PRO C 93 3.85 7.21 -16.72
N LYS C 94 4.79 7.51 -17.61
CA LYS C 94 5.99 6.70 -17.73
C LYS C 94 7.03 7.19 -16.73
N LYS C 95 7.98 6.32 -16.42
CA LYS C 95 9.07 6.65 -15.50
C LYS C 95 8.55 7.09 -14.14
N ARG C 96 7.56 6.37 -13.60
CA ARG C 96 7.16 6.57 -12.22
C ARG C 96 8.32 6.23 -11.29
N ALA C 97 8.59 7.13 -10.34
CA ALA C 97 9.57 6.81 -9.30
C ALA C 97 9.04 5.73 -8.37
N PHE C 98 7.72 5.58 -8.28
CA PHE C 98 7.09 4.55 -7.44
C PHE C 98 5.86 4.06 -8.19
N LEU C 99 5.99 2.92 -8.89
CA LEU C 99 4.86 2.41 -9.66
C LEU C 99 3.71 2.04 -8.73
N GLU C 100 4.02 1.42 -7.60
CA GLU C 100 3.08 1.30 -6.49
C GLU C 100 3.51 2.26 -5.41
N SER C 101 2.55 3.01 -4.86
CA SER C 101 2.89 4.07 -3.91
C SER C 101 3.54 3.50 -2.65
N GLU C 102 3.07 2.33 -2.20
CA GLU C 102 3.60 1.74 -0.99
C GLU C 102 5.06 1.31 -1.12
N ASN C 103 5.60 1.27 -2.34
CA ASN C 103 7.03 1.05 -2.50
C ASN C 103 7.85 2.18 -1.90
N CYS C 104 7.23 3.35 -1.69
CA CYS C 104 7.98 4.49 -1.19
C CYS C 104 8.35 4.32 0.28
N VAL C 105 7.59 3.53 1.05
CA VAL C 105 7.93 3.43 2.46
C VAL C 105 8.97 2.33 2.61
N SER C 106 10.18 2.64 2.17
CA SER C 106 11.43 2.08 2.63
C SER C 106 12.51 3.13 2.81
N ILE C 107 12.45 4.22 2.04
CA ILE C 107 13.37 5.33 2.21
C ILE C 107 12.82 6.31 3.23
N LEU C 108 11.49 6.43 3.30
CA LEU C 108 10.82 7.36 4.20
C LEU C 108 10.80 6.87 5.64
N CYS C 109 10.66 5.56 5.86
CA CYS C 109 10.41 5.04 7.20
C CYS C 109 11.25 3.79 7.47
N LEU C 110 12.54 3.86 7.16
CA LEU C 110 13.46 2.77 7.50
C LEU C 110 14.86 3.34 7.64
N GLU C 111 15.43 3.34 8.84
CA GLU C 111 16.75 3.94 9.09
C GLU C 111 17.89 3.26 8.34
N LYS C 112 17.94 1.94 8.39
CA LYS C 112 18.94 1.18 7.66
C LYS C 112 18.22 0.43 6.55
N SER C 113 18.04 1.10 5.41
CA SER C 113 17.27 0.54 4.30
C SER C 113 18.14 0.19 3.12
N ALA C 114 18.90 1.15 2.58
CA ALA C 114 19.68 0.97 1.36
C ALA C 114 18.78 0.50 0.21
N SER C 115 17.84 1.37 -0.13
CA SER C 115 16.88 1.10 -1.20
C SER C 115 17.24 1.76 -2.52
N GLY C 116 17.80 2.96 -2.48
CA GLY C 116 18.03 3.72 -3.70
C GLY C 116 19.07 3.13 -4.63
N THR C 117 19.97 2.30 -4.11
CA THR C 117 21.06 1.74 -4.91
C THR C 117 20.71 0.33 -5.38
N ARG C 118 19.68 0.23 -6.21
CA ARG C 118 19.26 -1.06 -6.75
C ARG C 118 18.98 -0.88 -8.24
N TYR C 119 19.33 -1.87 -9.05
CA TYR C 119 19.12 -1.81 -10.48
C TYR C 119 18.83 -3.15 -11.13
N TYR C 120 18.60 -4.21 -10.34
CA TYR C 120 18.43 -5.54 -10.91
C TYR C 120 17.18 -5.69 -11.78
N LYS C 121 16.21 -4.79 -11.65
CA LYS C 121 14.99 -4.85 -12.44
C LYS C 121 14.93 -3.73 -13.47
N ARG C 122 16.08 -3.15 -13.79
CA ARG C 122 16.17 -2.06 -14.74
C ARG C 122 16.42 -2.57 -16.14
N PRO C 123 15.53 -2.28 -17.09
CA PRO C 123 15.78 -2.66 -18.48
C PRO C 123 17.09 -2.06 -18.97
N GLY C 124 18.00 -2.93 -19.40
CA GLY C 124 19.36 -2.54 -19.71
C GLY C 124 20.33 -3.40 -18.94
N TYR C 125 20.02 -3.68 -17.66
CA TYR C 125 20.68 -4.75 -16.93
C TYR C 125 20.07 -6.11 -17.24
N GLN C 126 18.87 -6.13 -17.82
CA GLN C 126 18.25 -7.37 -18.27
C GLN C 126 18.82 -7.83 -19.59
N LEU C 127 19.03 -6.91 -20.53
CA LEU C 127 19.56 -7.32 -21.84
C LEU C 127 21.02 -7.74 -21.73
N LEU C 128 21.82 -7.00 -20.97
CA LEU C 128 23.25 -7.32 -20.87
C LEU C 128 23.47 -8.65 -20.17
N LYS C 129 22.68 -8.95 -19.13
CA LYS C 129 22.83 -10.22 -18.43
C LYS C 129 22.31 -11.37 -19.29
N LYS C 130 21.26 -11.13 -20.06
CA LYS C 130 20.79 -12.17 -20.98
C LYS C 130 21.71 -12.32 -22.18
N ALA C 131 22.59 -11.34 -22.41
CA ALA C 131 23.56 -11.41 -23.48
C ALA C 131 24.89 -12.00 -23.07
N ILE C 132 25.24 -11.93 -21.78
CA ILE C 132 26.48 -12.55 -21.33
C ILE C 132 26.30 -14.06 -21.18
N GLU C 133 25.07 -14.51 -20.96
CA GLU C 133 24.78 -15.93 -20.83
C GLU C 133 23.56 -16.32 -21.64
N ASP C 139 27.25 -6.80 -31.60
CA ASP C 139 26.36 -5.65 -31.54
C ASP C 139 25.16 -5.89 -32.44
N LYS C 140 24.95 -7.17 -32.78
CA LYS C 140 23.91 -7.57 -33.72
C LYS C 140 22.58 -7.86 -33.03
N PHE C 141 22.09 -6.91 -32.25
CA PHE C 141 20.81 -7.08 -31.57
C PHE C 141 20.14 -5.71 -31.42
N GLU C 142 18.84 -5.75 -31.12
CA GLU C 142 18.03 -4.56 -30.99
C GLU C 142 17.90 -4.20 -29.52
N ALA C 143 18.24 -2.96 -29.18
CA ALA C 143 18.14 -2.48 -27.81
C ALA C 143 17.02 -1.45 -27.69
N ARG C 167 29.92 0.23 -26.13
CA ARG C 167 30.12 0.89 -24.84
C ARG C 167 30.38 -0.12 -23.74
N PHE C 168 29.32 -0.58 -23.10
CA PHE C 168 29.41 -1.59 -22.05
C PHE C 168 29.32 -3.01 -22.56
N PHE C 169 28.94 -3.20 -23.82
CA PHE C 169 28.96 -4.54 -24.41
C PHE C 169 30.39 -5.07 -24.51
N ALA C 170 31.36 -4.19 -24.69
CA ALA C 170 32.78 -4.54 -24.62
C ALA C 170 33.21 -4.53 -23.16
N ALA C 171 34.00 -5.54 -22.79
CA ALA C 171 34.47 -5.81 -21.43
C ALA C 171 33.33 -6.26 -20.53
N ARG C 172 32.19 -6.48 -21.11
CA ARG C 172 31.10 -7.01 -20.36
C ARG C 172 30.85 -6.22 -19.05
N ASP C 173 30.71 -6.82 -17.90
CA ASP C 173 30.53 -6.19 -16.59
C ASP C 173 29.20 -5.45 -16.47
N PRO C 174 28.07 -6.16 -16.38
CA PRO C 174 26.79 -5.49 -16.16
C PRO C 174 26.73 -4.70 -14.85
N ASP C 175 27.64 -5.01 -13.93
CA ASP C 175 27.71 -4.29 -12.67
C ASP C 175 27.95 -2.81 -12.99
N ASP C 176 28.95 -2.53 -13.82
CA ASP C 176 29.27 -1.16 -14.19
C ASP C 176 28.08 -0.47 -14.87
N LEU C 177 27.34 -1.21 -15.71
CA LEU C 177 26.14 -0.64 -16.31
C LEU C 177 25.11 -0.29 -15.23
N GLY C 178 25.11 -1.06 -14.13
CA GLY C 178 24.23 -0.71 -13.03
C GLY C 178 24.52 0.66 -12.45
N ARG C 179 25.79 0.95 -12.18
CA ARG C 179 26.14 2.28 -11.70
C ARG C 179 25.92 3.34 -12.78
N GLU C 180 26.10 2.98 -14.05
CA GLU C 180 25.88 3.96 -15.12
C GLU C 180 24.41 4.34 -15.24
N LEU C 181 23.53 3.38 -14.94
CA LEU C 181 22.08 3.60 -15.02
C LEU C 181 21.48 4.07 -13.70
N LEU C 182 22.29 4.09 -12.63
CA LEU C 182 21.81 4.59 -11.33
C LEU C 182 22.32 6.00 -11.09
N LYS C 183 23.52 6.33 -11.59
CA LYS C 183 24.00 7.71 -11.51
C LYS C 183 23.15 8.63 -12.37
N THR C 184 22.85 8.21 -13.60
CA THR C 184 21.91 8.88 -14.48
C THR C 184 20.64 8.07 -14.56
N ASP C 185 19.71 8.52 -15.41
CA ASP C 185 18.41 7.85 -15.58
C ASP C 185 17.69 7.71 -14.25
N THR C 186 17.81 8.74 -13.41
CA THR C 186 17.20 8.75 -12.09
C THR C 186 15.82 9.41 -12.18
N ARG C 187 14.79 8.64 -11.84
CA ARG C 187 13.44 9.20 -11.83
C ARG C 187 13.34 10.26 -10.75
N GLU C 188 12.72 11.39 -11.10
CA GLU C 188 12.62 12.50 -10.17
C GLU C 188 11.73 12.12 -8.99
N GLY C 189 12.14 12.53 -7.80
CA GLY C 189 11.50 12.14 -6.57
C GLY C 189 12.17 10.96 -5.89
N MET C 190 12.87 10.12 -6.64
CA MET C 190 13.70 9.08 -6.06
C MET C 190 15.11 9.58 -5.77
N ALA C 191 15.68 10.33 -6.71
CA ALA C 191 16.89 11.09 -6.40
C ALA C 191 16.63 12.12 -5.32
N ALA C 192 15.46 12.78 -5.40
CA ALA C 192 15.09 13.75 -4.38
C ALA C 192 14.98 13.10 -3.01
N ALA C 193 14.42 11.90 -2.95
CA ALA C 193 14.34 11.18 -1.69
C ALA C 193 15.73 10.88 -1.13
N LEU C 194 16.66 10.46 -2.01
CA LEU C 194 18.02 10.20 -1.57
C LEU C 194 18.74 11.47 -1.15
N ARG C 195 18.30 12.64 -1.65
CA ARG C 195 18.93 13.90 -1.27
C ARG C 195 18.77 14.16 0.22
N LEU C 196 17.59 13.88 0.78
CA LEU C 196 17.32 14.23 2.17
C LEU C 196 18.03 13.29 3.15
N ARG C 197 18.24 12.03 2.77
CA ARG C 197 18.82 11.09 3.72
C ARG C 197 20.23 11.48 4.15
N GLU C 198 20.96 12.22 3.29
CA GLU C 198 22.25 12.75 3.71
C GLU C 198 22.08 13.91 4.68
N ARG C 199 20.94 14.61 4.63
CA ARG C 199 20.66 15.71 5.52
C ARG C 199 20.05 15.26 6.85
N GLY C 200 19.83 13.95 7.01
CA GLY C 200 19.29 13.43 8.26
C GLY C 200 17.91 13.92 8.59
N VAL C 201 17.06 14.14 7.59
CA VAL C 201 15.70 14.58 7.83
C VAL C 201 14.64 13.65 7.24
N PHE C 202 15.00 12.83 6.26
CA PHE C 202 13.99 12.00 5.59
C PHE C 202 13.41 10.80 6.38
N PRO C 203 14.22 10.06 7.18
CA PRO C 203 13.61 9.00 7.98
C PRO C 203 12.69 9.59 9.02
N VAL C 204 11.38 9.46 8.79
CA VAL C 204 10.36 10.12 9.57
C VAL C 204 9.84 9.16 10.63
N SER C 205 9.75 9.64 11.86
CA SER C 205 9.20 8.86 12.96
C SER C 205 7.69 8.82 12.81
N VAL C 206 7.16 7.67 12.39
CA VAL C 206 5.70 7.49 12.33
C VAL C 206 5.22 7.19 13.75
N PRO C 207 3.91 7.34 14.02
CA PRO C 207 3.45 7.15 15.42
C PRO C 207 3.66 5.76 16.02
N GLU C 208 3.40 4.69 15.27
CA GLU C 208 3.50 3.34 15.82
C GLU C 208 4.55 2.52 15.08
N HIS C 209 5.07 1.47 15.71
CA HIS C 209 6.14 0.73 15.08
C HIS C 209 5.58 -0.40 14.25
N LEU C 210 4.98 -0.06 13.12
CA LEU C 210 4.44 -1.09 12.23
C LEU C 210 5.57 -1.62 11.38
N ASP C 211 5.51 -2.91 11.07
CA ASP C 211 6.55 -3.54 10.26
C ASP C 211 6.42 -3.11 8.81
N LEU C 212 7.39 -3.45 7.98
CA LEU C 212 7.35 -2.98 6.60
C LEU C 212 6.04 -3.33 5.91
N ASP C 213 5.52 -4.53 6.13
CA ASP C 213 4.35 -4.98 5.38
C ASP C 213 3.10 -4.18 5.76
N SER C 214 2.84 -4.03 7.06
CA SER C 214 1.69 -3.26 7.49
C SER C 214 1.82 -1.78 7.13
N LEU C 215 3.04 -1.25 7.21
CA LEU C 215 3.26 0.13 6.75
C LEU C 215 2.95 0.27 5.28
N LYS C 216 3.33 -0.71 4.47
CA LYS C 216 3.03 -0.65 3.05
C LYS C 216 1.54 -0.73 2.80
N ALA C 217 0.82 -1.58 3.53
CA ALA C 217 -0.63 -1.63 3.39
C ALA C 217 -1.29 -0.30 3.76
N ALA C 218 -0.89 0.25 4.91
CA ALA C 218 -1.46 1.52 5.36
C ALA C 218 -1.15 2.65 4.38
N MET C 219 0.08 2.66 3.85
CA MET C 219 0.45 3.71 2.92
C MET C 219 -0.25 3.54 1.58
N ALA C 220 -0.51 2.31 1.17
CA ALA C 220 -1.32 2.09 -0.03
C ALA C 220 -2.72 2.67 0.16
N SER C 221 -3.34 2.40 1.31
CA SER C 221 -4.67 2.94 1.56
C SER C 221 -4.64 4.47 1.61
N ALA C 222 -3.67 5.04 2.31
CA ALA C 222 -3.58 6.50 2.43
C ALA C 222 -3.32 7.15 1.08
N ALA C 223 -2.44 6.55 0.27
CA ALA C 223 -2.18 7.08 -1.07
C ALA C 223 -3.43 7.00 -1.93
N GLU C 224 -4.18 5.91 -1.83
CA GLU C 224 -5.42 5.82 -2.59
C GLU C 224 -6.38 6.94 -2.20
N ARG C 225 -6.53 7.18 -0.90
CA ARG C 225 -7.46 8.20 -0.42
C ARG C 225 -7.04 9.62 -0.78
N LEU C 226 -5.74 9.92 -0.73
CA LEU C 226 -5.28 11.24 -1.14
C LEU C 226 -5.31 11.40 -2.66
N LYS C 227 -5.08 10.32 -3.41
CA LYS C 227 -5.16 10.40 -4.86
C LYS C 227 -6.60 10.68 -5.30
N SER C 228 -7.57 10.03 -4.65
CA SER C 228 -8.97 10.34 -4.93
C SER C 228 -9.27 11.79 -4.54
N TRP C 229 -8.76 12.24 -3.40
CA TRP C 229 -8.99 13.62 -2.97
C TRP C 229 -8.45 14.61 -3.98
N LEU C 230 -7.25 14.37 -4.51
CA LEU C 230 -6.66 15.28 -5.47
C LEU C 230 -7.36 15.23 -6.82
N ALA C 231 -7.79 14.05 -7.25
CA ALA C 231 -8.59 13.96 -8.47
C ALA C 231 -9.92 14.69 -8.34
N CYS C 232 -10.48 14.75 -7.13
CA CYS C 232 -11.66 15.55 -6.88
C CYS C 232 -11.37 17.05 -6.78
N ASN C 233 -10.24 17.41 -6.16
CA ASN C 233 -9.88 18.82 -6.02
C ASN C 233 -9.62 19.45 -7.38
N GLN C 234 -8.90 18.75 -8.25
CA GLN C 234 -8.69 19.26 -9.60
C GLN C 234 -9.95 19.14 -10.45
N ARG C 235 -10.91 18.30 -10.04
CA ARG C 235 -12.19 18.26 -10.72
C ARG C 235 -13.04 19.48 -10.37
N ALA C 236 -12.97 19.93 -9.11
CA ALA C 236 -13.72 21.11 -8.70
C ALA C 236 -13.24 22.36 -9.43
N VAL C 237 -11.92 22.52 -9.56
CA VAL C 237 -11.36 23.68 -10.23
C VAL C 237 -11.35 23.46 -11.73
N ALA C 335 -13.23 19.60 -2.06
CA ALA C 335 -12.09 20.46 -1.78
C ALA C 335 -11.61 20.28 -0.34
N ALA C 336 -12.37 19.50 0.43
CA ALA C 336 -12.03 19.21 1.81
C ALA C 336 -11.44 17.82 1.93
N VAL C 337 -10.67 17.60 3.00
CA VAL C 337 -9.99 16.34 3.25
C VAL C 337 -10.69 15.63 4.40
N THR C 338 -10.98 14.35 4.20
CA THR C 338 -11.50 13.50 5.26
C THR C 338 -10.42 12.49 5.63
N LEU C 339 -9.99 12.51 6.88
CA LEU C 339 -8.98 11.57 7.34
C LEU C 339 -9.61 10.22 7.67
N CYS C 340 -8.76 9.21 7.76
CA CYS C 340 -9.23 7.86 8.08
C CYS C 340 -9.68 7.77 9.53
N ASP C 341 -10.76 7.04 9.76
CA ASP C 341 -11.28 6.80 11.09
C ASP C 341 -11.71 5.34 11.20
N ALA C 342 -11.49 4.75 12.38
CA ALA C 342 -11.79 3.35 12.59
C ALA C 342 -13.29 3.05 12.50
N ASP C 343 -14.14 4.05 12.67
CA ASP C 343 -15.58 3.87 12.63
C ASP C 343 -16.28 4.79 11.64
N ASP C 344 -15.80 6.02 11.47
CA ASP C 344 -16.51 6.98 10.63
C ASP C 344 -16.29 6.69 9.16
N SER C 345 -15.03 6.79 8.73
CA SER C 345 -14.64 6.53 7.33
C SER C 345 -13.61 5.38 7.37
N PRO C 346 -14.05 4.09 7.50
CA PRO C 346 -13.07 3.01 7.65
C PRO C 346 -12.33 2.71 6.36
N ILE C 347 -11.13 2.16 6.51
CA ILE C 347 -10.34 1.68 5.39
C ILE C 347 -10.09 0.20 5.60
N LYS C 348 -9.73 -0.48 4.52
CA LYS C 348 -9.46 -1.92 4.57
C LYS C 348 -8.04 -2.16 5.05
N VAL C 349 -7.89 -2.87 6.16
CA VAL C 349 -6.57 -3.35 6.57
C VAL C 349 -6.26 -4.58 5.74
N ARG C 350 -5.64 -4.36 4.59
CA ARG C 350 -5.52 -5.39 3.56
C ARG C 350 -4.42 -6.39 3.87
N PHE C 351 -4.69 -7.65 3.55
CA PHE C 351 -3.74 -8.75 3.72
C PHE C 351 -3.47 -9.36 2.36
N GLY C 352 -2.24 -9.22 1.89
CA GLY C 352 -1.83 -9.76 0.62
C GLY C 352 -0.90 -10.95 0.75
N LEU C 353 -0.45 -11.45 -0.40
CA LEU C 353 0.42 -12.60 -0.46
C LEU C 353 1.81 -12.27 -0.99
N THR C 354 2.10 -11.01 -1.29
CA THR C 354 3.40 -10.63 -1.84
C THR C 354 3.91 -9.35 -1.21
N GLY C 355 3.77 -9.23 0.11
CA GLY C 355 4.40 -8.15 0.85
C GLY C 355 3.60 -6.88 0.99
N ARG C 356 2.42 -6.79 0.37
CA ARG C 356 1.60 -5.60 0.56
C ARG C 356 1.04 -5.54 1.98
N GLY C 357 0.71 -6.70 2.55
CA GLY C 357 0.27 -6.80 3.93
C GLY C 357 0.67 -8.15 4.48
N ARG C 358 0.32 -8.37 5.74
CA ARG C 358 0.63 -9.65 6.38
C ARG C 358 -0.05 -10.75 5.58
N LYS C 359 0.54 -11.94 5.58
CA LYS C 359 0.02 -13.00 4.76
C LYS C 359 -1.20 -13.65 5.40
N PHE C 360 -1.88 -14.48 4.61
CA PHE C 360 -3.09 -15.18 5.02
C PHE C 360 -3.20 -16.47 4.24
N VAL C 361 -3.93 -17.43 4.79
CA VAL C 361 -4.21 -18.67 4.07
C VAL C 361 -5.67 -19.06 4.31
N LEU C 362 -6.33 -19.42 3.21
CA LEU C 362 -7.74 -19.75 3.25
C LEU C 362 -8.02 -21.21 2.99
N SER C 363 -9.04 -21.76 3.63
CA SER C 363 -9.44 -23.14 3.42
C SER C 363 -10.88 -23.31 3.89
N ALA C 364 -11.38 -24.54 3.88
CA ALA C 364 -12.74 -24.83 4.30
C ALA C 364 -12.75 -26.04 5.23
N ALA C 365 -13.74 -26.08 6.11
CA ALA C 365 -13.90 -27.20 7.05
C ALA C 365 -15.40 -27.41 7.25
N GLY C 366 -15.95 -28.36 6.49
CA GLY C 366 -17.39 -28.57 6.49
C GLY C 366 -18.11 -27.58 5.60
N SER C 367 -18.88 -26.68 6.21
CA SER C 367 -19.53 -25.59 5.48
C SER C 367 -19.21 -24.29 6.23
N ARG C 368 -18.05 -23.72 5.95
CA ARG C 368 -17.54 -22.50 6.60
C ARG C 368 -16.35 -22.00 5.78
N PHE C 369 -15.67 -20.99 6.31
CA PHE C 369 -14.34 -20.60 5.85
C PHE C 369 -13.38 -20.57 7.02
N LEU C 370 -12.19 -21.11 6.80
CA LEU C 370 -11.09 -21.08 7.76
C LEU C 370 -10.08 -20.08 7.20
N ILE C 371 -9.97 -18.92 7.86
CA ILE C 371 -9.06 -17.87 7.45
C ILE C 371 -8.11 -17.62 8.60
N THR C 372 -6.83 -17.83 8.39
CA THR C 372 -5.84 -17.49 9.41
C THR C 372 -4.75 -16.63 8.79
N VAL C 373 -4.38 -15.59 9.54
CA VAL C 373 -3.38 -14.62 9.12
C VAL C 373 -2.12 -14.83 9.95
N LYS C 374 -1.04 -14.18 9.53
CA LYS C 374 0.30 -14.48 10.02
C LYS C 374 0.94 -13.27 10.69
N LEU C 375 0.23 -12.64 11.63
CA LEU C 375 0.68 -11.38 12.18
C LEU C 375 2.01 -11.56 12.93
N PRO C 376 2.76 -10.48 13.15
CA PRO C 376 4.03 -10.62 13.88
C PRO C 376 3.88 -11.21 15.27
N CYS C 377 2.71 -11.04 15.90
CA CYS C 377 2.47 -11.64 17.21
C CYS C 377 2.07 -13.10 17.13
N GLY C 378 2.12 -13.71 15.94
CA GLY C 378 1.79 -15.10 15.75
C GLY C 378 0.70 -15.27 14.71
N ASP C 379 0.26 -16.51 14.56
CA ASP C 379 -0.89 -16.79 13.71
C ASP C 379 -2.18 -16.42 14.42
N VAL C 380 -3.12 -15.87 13.66
CA VAL C 380 -4.44 -15.53 14.17
C VAL C 380 -5.44 -16.30 13.31
N GLY C 381 -6.08 -17.29 13.90
CA GLY C 381 -7.04 -18.09 13.16
C GLY C 381 -8.46 -17.61 13.40
N LEU C 382 -9.29 -17.75 12.37
CA LEU C 382 -10.67 -17.29 12.44
C LEU C 382 -11.61 -18.15 11.60
N THR C 383 -12.79 -18.45 12.13
CA THR C 383 -13.80 -19.25 11.45
C THR C 383 -14.95 -18.33 11.07
N ALA C 384 -15.24 -18.24 9.78
CA ALA C 384 -16.33 -17.41 9.31
C ALA C 384 -17.65 -18.17 9.42
N VAL C 385 -18.67 -17.49 9.92
CA VAL C 385 -20.00 -18.08 10.03
C VAL C 385 -20.49 -18.40 8.62
N PRO C 386 -21.28 -19.46 8.44
CA PRO C 386 -21.62 -19.90 7.08
C PRO C 386 -22.35 -18.82 6.29
N SER C 387 -22.06 -18.76 5.00
CA SER C 387 -22.67 -17.82 4.08
C SER C 387 -23.45 -18.60 3.02
N ARG C 388 -24.70 -18.21 2.79
CA ARG C 388 -25.46 -18.86 1.73
C ARG C 388 -25.02 -18.40 0.34
N TYR C 389 -24.16 -17.39 0.26
CA TYR C 389 -23.53 -17.07 -1.01
C TYR C 389 -22.41 -18.05 -1.35
N PHE C 390 -21.72 -18.55 -0.33
CA PHE C 390 -20.63 -19.51 -0.49
C PHE C 390 -21.04 -20.80 0.22
N TRP C 391 -21.74 -21.67 -0.50
CA TRP C 391 -22.29 -22.90 0.06
C TRP C 391 -21.56 -24.10 -0.54
N ASN C 392 -21.33 -25.10 0.31
CA ASN C 392 -20.58 -26.31 -0.04
C ASN C 392 -19.20 -25.93 -0.57
N PRO C 393 -18.32 -25.40 0.27
CA PRO C 393 -17.04 -24.86 -0.22
C PRO C 393 -15.93 -25.91 -0.27
N SER C 394 -15.17 -25.86 -1.37
CA SER C 394 -13.96 -26.65 -1.53
C SER C 394 -12.83 -25.71 -1.91
N VAL C 395 -11.75 -25.78 -1.12
CA VAL C 395 -10.62 -24.87 -1.32
C VAL C 395 -9.29 -25.59 -1.48
N GLY C 396 -8.45 -25.11 -2.38
CA GLY C 396 -7.14 -25.66 -2.62
C GLY C 396 -6.09 -24.59 -2.87
N ARG C 397 -4.96 -24.67 -2.17
CA ARG C 397 -3.90 -23.69 -2.37
C ARG C 397 -3.23 -23.91 -3.73
N THR C 398 -2.89 -22.80 -4.41
CA THR C 398 -2.31 -22.85 -5.72
C THR C 398 -0.84 -22.45 -5.66
N THR C 399 -0.05 -22.98 -6.59
CA THR C 399 1.39 -22.73 -6.66
C THR C 399 1.73 -21.37 -7.26
N SER C 400 0.75 -20.47 -7.40
CA SER C 400 0.96 -19.15 -7.96
C SER C 400 0.47 -18.08 -6.98
N ASN C 401 0.62 -18.34 -5.68
CA ASN C 401 0.21 -17.41 -4.62
C ASN C 401 -1.26 -17.04 -4.73
N SER C 402 -2.11 -18.05 -4.58
CA SER C 402 -3.56 -17.84 -4.65
C SER C 402 -4.25 -19.06 -4.03
N PHE C 403 -5.55 -18.93 -3.84
CA PHE C 403 -6.36 -20.03 -3.31
C PHE C 403 -7.59 -20.22 -4.20
N ARG C 404 -7.77 -21.43 -4.72
CA ARG C 404 -8.90 -21.74 -5.60
C ARG C 404 -10.06 -22.24 -4.74
N ILE C 405 -11.19 -21.55 -4.89
CA ILE C 405 -12.37 -21.89 -4.12
C ILE C 405 -13.57 -22.17 -5.01
N GLU C 406 -14.44 -23.07 -4.58
CA GLU C 406 -15.66 -23.39 -5.30
C GLU C 406 -16.85 -23.13 -4.39
N PHE C 407 -17.97 -22.73 -5.00
CA PHE C 407 -19.16 -22.42 -4.25
C PHE C 407 -20.37 -22.42 -5.18
N THR C 408 -21.56 -22.45 -4.57
CA THR C 408 -22.82 -22.26 -5.27
C THR C 408 -23.60 -21.12 -4.63
N LYS C 409 -24.40 -20.44 -5.45
CA LYS C 409 -25.15 -19.27 -5.03
C LYS C 409 -26.40 -19.61 -4.23
N ARG C 410 -26.65 -20.89 -3.96
CA ARG C 410 -27.84 -21.36 -3.24
C ARG C 410 -29.07 -20.91 -4.04
N THR C 411 -30.12 -20.41 -3.38
CA THR C 411 -31.37 -20.01 -4.02
C THR C 411 -31.90 -21.20 -4.81
N THR C 412 -32.19 -21.04 -6.10
CA THR C 412 -32.71 -22.14 -6.92
C THR C 412 -31.62 -22.76 -7.80
N GLU C 413 -30.96 -21.94 -8.62
CA GLU C 413 -29.95 -22.44 -9.55
C GLU C 413 -28.60 -22.47 -8.84
N ASN C 414 -28.03 -23.66 -8.71
CA ASN C 414 -26.73 -23.84 -8.07
C ASN C 414 -25.63 -23.91 -9.13
N ARG C 415 -25.48 -22.80 -9.84
CA ARG C 415 -24.45 -22.70 -10.86
C ARG C 415 -23.07 -22.70 -10.22
N ARG C 416 -22.16 -23.45 -10.84
CA ARG C 416 -20.82 -23.58 -10.27
C ARG C 416 -19.85 -22.51 -10.71
N TYR C 417 -19.06 -22.03 -9.77
CA TYR C 417 -18.08 -20.97 -10.02
C TYR C 417 -16.74 -21.36 -9.43
N VAL C 418 -15.67 -20.89 -10.07
CA VAL C 418 -14.31 -21.10 -9.60
C VAL C 418 -13.70 -19.73 -9.33
N GLY C 419 -13.11 -19.56 -8.15
CA GLY C 419 -12.53 -18.28 -7.81
C GLY C 419 -11.16 -18.34 -7.19
N GLU C 420 -10.22 -17.56 -7.70
CA GLU C 420 -8.89 -17.46 -7.12
C GLU C 420 -8.86 -16.23 -6.21
N VAL C 421 -8.59 -16.45 -4.93
CA VAL C 421 -8.48 -15.36 -3.96
C VAL C 421 -7.01 -15.14 -3.67
N LYS C 422 -6.61 -13.86 -3.67
CA LYS C 422 -5.22 -13.47 -3.45
C LYS C 422 -5.05 -12.39 -2.39
N GLU C 423 -6.07 -11.61 -2.08
CA GLU C 423 -5.95 -10.52 -1.12
C GLU C 423 -7.33 -10.21 -0.57
N ILE C 424 -7.50 -10.36 0.74
CA ILE C 424 -8.76 -10.10 1.41
C ILE C 424 -8.67 -8.78 2.15
N GLY C 425 -9.81 -8.27 2.60
CA GLY C 425 -9.87 -7.05 3.37
C GLY C 425 -10.60 -7.25 4.68
N LEU C 426 -10.41 -6.30 5.58
CA LEU C 426 -11.08 -6.31 6.89
C LEU C 426 -11.67 -4.94 7.16
N VAL C 427 -12.98 -4.89 7.43
CA VAL C 427 -13.67 -3.64 7.75
C VAL C 427 -14.59 -3.89 8.94
N ARG C 428 -14.58 -2.95 9.87
CA ARG C 428 -15.46 -2.98 11.04
C ARG C 428 -16.64 -2.05 10.77
N GLN C 429 -17.82 -2.62 10.54
CA GLN C 429 -19.02 -1.85 10.26
C GLN C 429 -20.09 -2.16 11.30
N ARG C 430 -20.63 -1.11 11.90
CA ARG C 430 -21.65 -1.21 12.95
C ARG C 430 -21.18 -2.07 14.12
N GLY C 431 -19.89 -2.13 14.36
CA GLY C 431 -19.34 -2.93 15.42
C GLY C 431 -19.10 -4.38 15.07
N ARG C 432 -19.44 -4.81 13.86
CA ARG C 432 -19.24 -6.18 13.43
C ARG C 432 -18.10 -6.24 12.43
N TYR C 433 -17.21 -7.21 12.60
CA TYR C 433 -16.04 -7.34 11.75
C TYR C 433 -16.37 -8.19 10.53
N TYR C 434 -16.01 -7.69 9.35
CA TYR C 434 -16.31 -8.36 8.09
C TYR C 434 -15.03 -8.46 7.28
N PHE C 435 -14.70 -9.66 6.83
CA PHE C 435 -13.68 -9.84 5.80
C PHE C 435 -14.34 -9.77 4.43
N PHE C 436 -13.82 -8.88 3.60
CA PHE C 436 -14.22 -8.74 2.22
C PHE C 436 -13.37 -9.70 1.41
N ILE C 437 -14.00 -10.79 0.95
CA ILE C 437 -13.34 -11.76 0.10
C ILE C 437 -13.43 -11.28 -1.34
N ASP C 438 -12.35 -10.67 -1.83
CA ASP C 438 -12.27 -10.16 -3.19
C ASP C 438 -11.57 -11.22 -4.02
N TYR C 439 -12.34 -12.03 -4.75
CA TYR C 439 -11.77 -13.09 -5.55
C TYR C 439 -11.90 -12.77 -7.04
N ASN C 440 -11.24 -13.59 -7.84
CA ASN C 440 -11.18 -13.42 -9.28
C ASN C 440 -11.81 -14.64 -9.94
N PHE C 441 -12.78 -14.40 -10.82
CA PHE C 441 -13.55 -15.47 -11.46
C PHE C 441 -13.17 -15.58 -12.93
N ASP C 442 -13.72 -16.61 -13.56
CA ASP C 442 -13.42 -16.85 -14.97
C ASP C 442 -14.13 -15.83 -15.85
N PRO C 443 -13.41 -15.17 -16.78
CA PRO C 443 -14.00 -14.17 -17.66
C PRO C 443 -14.46 -14.76 -19.00
#